data_8P3I
#
_entry.id   8P3I
#
_cell.length_a   61.367
_cell.length_b   76.601
_cell.length_c   118.674
_cell.angle_alpha   90.00
_cell.angle_beta   90.00
_cell.angle_gamma   90.00
#
_symmetry.space_group_name_H-M   'P 21 21 21'
#
loop_
_entity.id
_entity.type
_entity.pdbx_description
1 polymer 'Synaptotagmin-like protein 2,Ras-related protein Rab-27A'
2 non-polymer 'PHOSPHOAMINOPHOSPHONIC ACID-GUANYLATE ESTER'
3 non-polymer GLYCEROL
4 non-polymer ~{N}-(3-methoxy-4-pyrrolidin-1-ylsulfonyl-phenyl)propanamide
5 non-polymer 'MAGNESIUM ION'
6 water water
#
_entity_poly.entity_id   1
_entity_poly.type   'polypeptide(L)'
_entity_poly.pdbx_seq_one_letter_code
;GHMSFLTEEEQEAIMKVLQRDAALKRAEEERGSGSGSGMSDGDYDYLIKFLALGDSGVGKTSVLYQYTDGKFNSKFITTV
GIDFREKRVVYRASGPDGATGRGQRIHLQLWDTAGLERFRSLTTAFFRDAMGFLLLFDLTNEQSFLNVRNWISQLQMHAY
CENPDIVLCGNKSDLEDQRVVKEEEAIALAEKYGIPYFETSAANGTNISQAIEMLLDLIMKRMERSVDKS
;
_entity_poly.pdbx_strand_id   A,B
#
# COMPACT_ATOMS: atom_id res chain seq x y z
N GLY A 1 26.74 -2.55 -5.63
CA GLY A 1 25.32 -2.46 -5.86
C GLY A 1 24.67 -3.83 -5.95
N HIS A 2 24.46 -4.45 -4.78
CA HIS A 2 23.94 -5.82 -4.71
C HIS A 2 22.98 -5.96 -3.52
N MET A 3 21.81 -5.33 -3.66
CA MET A 3 20.79 -5.36 -2.61
C MET A 3 20.20 -6.75 -2.51
N SER A 4 20.39 -7.39 -1.36
CA SER A 4 19.80 -8.69 -1.12
C SER A 4 18.29 -8.61 -1.11
N PHE A 5 17.64 -9.63 -1.68
CA PHE A 5 16.22 -9.80 -1.43
C PHE A 5 15.97 -10.06 0.05
N LEU A 6 14.72 -9.89 0.48
CA LEU A 6 14.39 -10.17 1.85
C LEU A 6 14.67 -11.63 2.15
N THR A 7 15.16 -11.89 3.36
CA THR A 7 15.27 -13.25 3.84
C THR A 7 13.90 -13.74 4.28
N GLU A 8 13.80 -15.06 4.46
CA GLU A 8 12.56 -15.62 4.98
C GLU A 8 12.18 -14.97 6.31
N GLU A 9 13.18 -14.67 7.16
CA GLU A 9 12.90 -14.07 8.45
C GLU A 9 12.50 -12.60 8.33
N GLU A 10 13.18 -11.85 7.47
CA GLU A 10 12.74 -10.49 7.16
C GLU A 10 11.30 -10.47 6.68
N GLN A 11 10.93 -11.43 5.81
CA GLN A 11 9.60 -11.38 5.22
C GLN A 11 8.51 -11.78 6.20
N GLU A 12 8.78 -12.71 7.12
CA GLU A 12 7.81 -13.02 8.18
C GLU A 12 7.54 -11.80 9.05
N ALA A 13 8.60 -11.07 9.39
CA ALA A 13 8.47 -9.79 10.10
C ALA A 13 7.50 -8.86 9.40
N ILE A 14 7.70 -8.61 8.10
CA ILE A 14 6.89 -7.61 7.41
C ILE A 14 5.45 -8.09 7.29
N MET A 15 5.25 -9.39 7.08
CA MET A 15 3.87 -9.89 6.97
C MET A 15 3.12 -9.76 8.28
N LYS A 16 3.82 -9.86 9.42
CA LYS A 16 3.16 -9.64 10.70
C LYS A 16 2.68 -8.20 10.84
N VAL A 17 3.53 -7.23 10.49
CA VAL A 17 3.08 -5.84 10.44
C VAL A 17 1.86 -5.68 9.52
N LEU A 18 1.88 -6.36 8.38
CA LEU A 18 0.73 -6.26 7.47
C LEU A 18 -0.50 -6.92 8.09
N GLN A 19 -0.29 -8.04 8.77
CA GLN A 19 -1.38 -8.66 9.50
C GLN A 19 -1.91 -7.73 10.59
N ARG A 20 -1.02 -7.09 11.35
CA ARG A 20 -1.48 -6.16 12.39
C ARG A 20 -2.20 -4.96 11.80
N ASP A 21 -1.71 -4.44 10.66
CA ASP A 21 -2.34 -3.27 10.06
C ASP A 21 -3.76 -3.59 9.61
N ALA A 22 -3.95 -4.75 8.96
CA ALA A 22 -5.26 -5.10 8.46
C ALA A 22 -6.26 -5.33 9.59
N ALA A 23 -5.81 -5.90 10.71
CA ALA A 23 -6.69 -6.01 11.87
C ALA A 23 -7.07 -4.64 12.41
N LEU A 24 -6.10 -3.73 12.48
CA LEU A 24 -6.43 -2.39 12.93
C LEU A 24 -7.36 -1.71 11.96
N LYS A 25 -7.10 -1.81 10.65
CA LYS A 25 -7.94 -1.11 9.68
C LYS A 25 -9.35 -1.67 9.66
N ARG A 26 -9.48 -3.00 9.75
CA ARG A 26 -10.82 -3.58 9.68
C ARG A 26 -11.68 -3.18 10.85
N ALA A 27 -11.05 -2.93 12.01
CA ALA A 27 -11.81 -2.53 13.19
C ALA A 27 -12.33 -1.10 13.09
N GLU A 28 -11.66 -0.24 12.33
CA GLU A 28 -12.11 1.13 12.21
C GLU A 28 -13.23 1.26 11.18
N GLU A 29 -13.10 0.56 10.05
CA GLU A 29 -14.19 0.43 9.08
C GLU A 29 -15.44 -0.21 9.69
N GLU A 30 -15.32 -0.75 10.91
CA GLU A 30 -16.41 -1.40 11.65
C GLU A 30 -17.17 -2.40 10.77
N ASP A 43 -16.55 4.47 19.00
CA ASP A 43 -15.43 4.68 19.95
C ASP A 43 -14.68 5.95 19.55
N TYR A 44 -13.38 5.86 19.28
CA TYR A 44 -12.55 7.05 18.97
C TYR A 44 -13.09 7.78 17.75
N ASP A 45 -12.94 9.09 17.80
CA ASP A 45 -13.54 9.98 16.79
C ASP A 45 -12.89 9.94 15.42
N TYR A 46 -11.57 9.79 15.29
CA TYR A 46 -10.93 9.74 13.98
C TYR A 46 -9.71 8.83 14.07
N LEU A 47 -9.46 8.07 13.00
CA LEU A 47 -8.17 7.45 12.80
C LEU A 47 -7.27 8.41 12.04
N ILE A 48 -6.07 8.65 12.53
CA ILE A 48 -5.13 9.55 11.88
C ILE A 48 -3.84 8.79 11.67
N LYS A 49 -3.26 8.92 10.47
CA LYS A 49 -2.05 8.19 10.10
C LYS A 49 -0.95 9.17 9.68
N PHE A 50 0.22 9.02 10.30
CA PHE A 50 1.46 9.66 9.88
C PHE A 50 2.43 8.61 9.39
N LEU A 51 3.46 9.09 8.70
CA LEU A 51 4.53 8.20 8.28
C LEU A 51 5.84 8.92 8.50
N ALA A 52 6.80 8.23 9.12
CA ALA A 52 8.13 8.78 9.33
C ALA A 52 9.08 8.26 8.26
N LEU A 53 9.85 9.16 7.67
CA LEU A 53 10.78 8.79 6.61
C LEU A 53 12.03 9.65 6.76
N GLY A 54 13.07 9.26 6.05
CA GLY A 54 14.37 9.88 6.21
C GLY A 54 15.44 8.83 6.11
N ASP A 55 16.70 9.24 6.10
CA ASP A 55 17.80 8.31 5.87
C ASP A 55 17.89 7.31 7.01
N SER A 56 18.54 6.19 6.75
CA SER A 56 18.76 5.23 7.82
C SER A 56 19.70 5.83 8.88
N GLY A 57 19.31 5.68 10.13
CA GLY A 57 20.12 6.10 11.26
C GLY A 57 19.80 7.46 11.83
N VAL A 58 18.87 8.20 11.24
CA VAL A 58 18.56 9.54 11.75
C VAL A 58 17.74 9.53 13.04
N GLY A 59 17.15 8.40 13.41
CA GLY A 59 16.37 8.29 14.63
C GLY A 59 14.85 8.21 14.46
N LYS A 60 14.36 7.60 13.36
CA LYS A 60 12.92 7.56 13.13
C LYS A 60 12.23 6.64 14.13
N THR A 61 12.75 5.42 14.30
CA THR A 61 12.18 4.51 15.29
C THR A 61 12.26 5.11 16.70
N SER A 62 13.42 5.68 17.06
CA SER A 62 13.60 6.25 18.39
C SER A 62 12.65 7.42 18.63
N VAL A 63 12.38 8.21 17.61
CA VAL A 63 11.50 9.34 17.82
C VAL A 63 10.08 8.86 18.14
N LEU A 64 9.59 7.89 17.39
CA LEU A 64 8.24 7.41 17.68
C LEU A 64 8.18 6.68 19.02
N TYR A 65 9.26 5.98 19.39
CA TYR A 65 9.30 5.27 20.65
C TYR A 65 9.32 6.23 21.84
N GLN A 66 10.10 7.29 21.75
CA GLN A 66 10.07 8.33 22.78
C GLN A 66 8.65 8.88 22.91
N TYR A 67 7.96 9.05 21.79
CA TYR A 67 6.64 9.70 21.81
C TYR A 67 5.56 8.79 22.40
N THR A 68 5.56 7.51 22.03
CA THR A 68 4.50 6.67 22.57
C THR A 68 4.80 6.20 23.99
N ASP A 69 6.07 5.94 24.34
CA ASP A 69 6.38 5.30 25.61
C ASP A 69 7.40 6.05 26.46
N GLY A 70 7.81 7.26 26.09
CA GLY A 70 8.78 7.99 26.90
C GLY A 70 10.07 7.24 27.20
N LYS A 71 10.50 6.33 26.33
CA LYS A 71 11.70 5.54 26.57
C LYS A 71 12.67 5.70 25.41
N PHE A 72 13.93 5.35 25.64
CA PHE A 72 14.95 5.50 24.62
C PHE A 72 15.99 4.42 24.79
N ASN A 73 16.46 3.86 23.69
CA ASN A 73 17.38 2.73 23.72
C ASN A 73 18.58 3.04 22.84
N SER A 74 19.76 2.87 23.40
CA SER A 74 20.99 3.29 22.73
C SER A 74 21.43 2.36 21.61
N LYS A 75 21.04 1.09 21.66
CA LYS A 75 21.49 0.12 20.68
C LYS A 75 20.76 0.32 19.36
N PHE A 76 21.50 0.38 18.25
CA PHE A 76 20.91 0.61 16.93
C PHE A 76 20.28 -0.70 16.43
N ILE A 77 18.94 -0.77 16.43
CA ILE A 77 18.25 -1.91 15.85
C ILE A 77 17.53 -1.45 14.60
N THR A 78 18.16 -1.63 13.45
CA THR A 78 17.60 -1.07 12.22
C THR A 78 16.27 -1.72 11.86
N THR A 79 15.34 -0.89 11.39
CA THR A 79 13.99 -1.30 11.07
C THR A 79 13.92 -2.22 9.87
N VAL A 80 13.22 -3.35 10.04
CA VAL A 80 13.08 -4.34 8.97
C VAL A 80 11.98 -3.93 8.01
N GLY A 81 12.28 -3.04 7.08
CA GLY A 81 11.31 -2.61 6.10
C GLY A 81 10.30 -1.60 6.59
N ILE A 82 9.46 -2.02 7.52
CA ILE A 82 8.26 -1.24 7.86
C ILE A 82 7.79 -1.71 9.23
N ASP A 83 7.16 -0.80 9.96
CA ASP A 83 6.54 -1.07 11.25
C ASP A 83 5.63 0.12 11.56
N PHE A 84 4.90 0.03 12.66
CA PHE A 84 4.08 1.16 13.10
C PHE A 84 3.82 1.02 14.60
N ARG A 85 3.54 2.17 15.22
CA ARG A 85 3.14 2.27 16.62
C ARG A 85 1.80 3.00 16.67
N GLU A 86 1.14 2.94 17.84
CA GLU A 86 -0.15 3.59 18.03
C GLU A 86 -0.12 4.44 19.29
N LYS A 87 -1.03 5.41 19.34
CA LYS A 87 -1.22 6.20 20.55
C LYS A 87 -2.60 6.82 20.53
N ARG A 88 -3.31 6.72 21.66
CA ARG A 88 -4.55 7.46 21.86
C ARG A 88 -4.23 8.82 22.43
N VAL A 89 -4.87 9.86 21.91
CA VAL A 89 -4.60 11.23 22.33
C VAL A 89 -5.89 12.03 22.24
N VAL A 90 -5.86 13.26 22.75
CA VAL A 90 -6.99 14.17 22.69
C VAL A 90 -6.52 15.44 21.99
N TYR A 91 -7.03 15.67 20.78
CA TYR A 91 -6.78 16.91 20.05
C TYR A 91 -7.87 17.92 20.35
N ARG A 92 -7.48 19.18 20.47
CA ARG A 92 -8.43 20.27 20.64
C ARG A 92 -8.14 21.33 19.59
N ALA A 93 -9.15 21.70 18.82
CA ALA A 93 -8.92 22.70 17.79
C ALA A 93 -8.45 23.99 18.42
N SER A 94 -7.84 24.84 17.59
CA SER A 94 -7.39 26.17 18.00
C SER A 94 -8.21 27.18 17.21
N GLY A 95 -9.06 27.92 17.91
CA GLY A 95 -9.97 28.84 17.26
C GLY A 95 -9.42 30.26 17.23
N PRO A 96 -10.30 31.23 16.94
CA PRO A 96 -9.85 32.63 16.87
C PRO A 96 -9.51 33.18 18.25
N ASP A 97 -8.28 33.67 18.39
CA ASP A 97 -7.76 34.20 19.66
C ASP A 97 -7.85 33.15 20.76
N GLY A 98 -7.30 31.98 20.49
CA GLY A 98 -7.22 30.92 21.49
C GLY A 98 -8.57 30.36 21.92
N ALA A 99 -9.48 30.14 20.97
CA ALA A 99 -10.83 29.64 21.27
C ALA A 99 -10.85 28.12 21.16
N THR A 100 -10.23 27.46 22.15
CA THR A 100 -9.97 26.03 22.09
C THR A 100 -11.25 25.22 22.25
N GLY A 101 -11.60 24.48 21.20
CA GLY A 101 -12.86 23.76 21.16
C GLY A 101 -12.84 22.46 21.94
N ARG A 102 -13.88 21.65 21.68
CA ARG A 102 -14.09 20.41 22.40
C ARG A 102 -12.91 19.46 22.22
N GLY A 103 -12.67 18.63 23.23
CA GLY A 103 -11.65 17.61 23.13
C GLY A 103 -12.14 16.49 22.24
N GLN A 104 -11.37 16.16 21.22
CA GLN A 104 -11.71 15.12 20.25
C GLN A 104 -10.84 13.89 20.45
N ARG A 105 -11.44 12.70 20.40
CA ARG A 105 -10.67 11.47 20.54
C ARG A 105 -9.95 11.16 19.25
N ILE A 106 -8.63 11.08 19.28
CA ILE A 106 -7.82 10.74 18.13
C ILE A 106 -7.09 9.45 18.39
N HIS A 107 -7.16 8.53 17.45
CA HIS A 107 -6.33 7.33 17.42
C HIS A 107 -5.28 7.51 16.34
N LEU A 108 -4.02 7.51 16.72
CA LEU A 108 -2.91 7.77 15.81
C LEU A 108 -2.23 6.47 15.44
N GLN A 109 -2.06 6.25 14.14
CA GLN A 109 -1.20 5.17 13.64
C GLN A 109 0.05 5.82 13.07
N LEU A 110 1.20 5.42 13.60
CA LEU A 110 2.46 6.09 13.29
C LEU A 110 3.33 5.11 12.53
N TRP A 111 3.34 5.25 11.20
CA TRP A 111 4.13 4.35 10.37
C TRP A 111 5.61 4.69 10.49
N ASP A 112 6.43 3.65 10.49
CA ASP A 112 7.88 3.76 10.66
C ASP A 112 8.52 3.03 9.48
N THR A 113 9.21 3.76 8.60
CA THR A 113 9.77 3.16 7.40
C THR A 113 11.27 3.00 7.57
N ALA A 114 11.81 1.93 7.02
CA ALA A 114 13.25 1.79 6.98
C ALA A 114 13.82 2.76 5.97
N GLY A 115 15.02 3.26 6.25
CA GLY A 115 15.63 4.24 5.36
C GLY A 115 16.63 3.70 4.35
N LEU A 116 17.04 2.44 4.45
CA LEU A 116 17.96 1.88 3.48
C LEU A 116 17.28 1.68 2.12
N GLU A 117 18.08 1.81 1.05
CA GLU A 117 17.52 1.76 -0.31
C GLU A 117 16.85 0.43 -0.58
N ARG A 118 17.42 -0.65 -0.11
CA ARG A 118 16.89 -2.01 -0.38
C ARG A 118 15.43 -2.17 0.01
N PHE A 119 14.86 -1.22 0.74
CA PHE A 119 13.47 -1.24 1.20
C PHE A 119 12.65 -0.14 0.54
N ARG A 120 13.24 0.56 -0.43
CA ARG A 120 12.64 1.82 -0.90
C ARG A 120 11.29 1.61 -1.55
N SER A 121 11.13 0.58 -2.39
CA SER A 121 9.83 0.46 -3.01
C SER A 121 8.81 -0.12 -2.04
N LEU A 122 9.26 -0.95 -1.09
CA LEU A 122 8.34 -1.43 -0.07
C LEU A 122 7.78 -0.29 0.75
N THR A 123 8.65 0.62 1.22
CA THR A 123 8.17 1.70 2.08
C THR A 123 7.38 2.72 1.28
N THR A 124 7.77 2.96 0.02
CA THR A 124 7.02 3.88 -0.83
C THR A 124 5.59 3.42 -1.04
N ALA A 125 5.38 2.11 -1.07
CA ALA A 125 4.02 1.58 -1.13
C ALA A 125 3.11 2.22 -0.09
N PHE A 126 3.64 2.55 1.10
CA PHE A 126 2.80 2.98 2.21
C PHE A 126 2.53 4.47 2.25
N PHE A 127 3.12 5.27 1.33
CA PHE A 127 2.76 6.69 1.28
C PHE A 127 1.29 6.89 0.97
N ARG A 128 0.61 5.88 0.42
CA ARG A 128 -0.84 5.97 0.22
C ARG A 128 -1.56 6.17 1.53
N ASP A 129 -1.11 5.47 2.58
CA ASP A 129 -1.88 5.38 3.81
C ASP A 129 -1.74 6.63 4.65
N ALA A 130 -0.75 7.48 4.38
CA ALA A 130 -0.49 8.59 5.28
C ALA A 130 -1.34 9.79 4.94
N MET A 131 -1.70 10.55 5.97
CA MET A 131 -2.27 11.88 5.80
C MET A 131 -1.27 12.97 6.14
N GLY A 132 -0.03 12.61 6.44
CA GLY A 132 0.98 13.57 6.82
C GLY A 132 2.28 12.83 7.03
N PHE A 133 3.37 13.61 7.09
CA PHE A 133 4.70 13.06 7.07
C PHE A 133 5.60 13.76 8.09
N LEU A 134 6.41 12.96 8.76
CA LEU A 134 7.46 13.44 9.65
C LEU A 134 8.77 13.13 8.95
N LEU A 135 9.46 14.18 8.49
CA LEU A 135 10.67 14.00 7.67
C LEU A 135 11.87 14.32 8.54
N LEU A 136 12.72 13.33 8.76
CA LEU A 136 13.81 13.47 9.71
C LEU A 136 15.14 13.53 9.00
N PHE A 137 16.00 14.43 9.46
CA PHE A 137 17.43 14.26 9.26
C PHE A 137 18.12 14.23 10.61
N ASP A 138 19.41 13.96 10.57
CA ASP A 138 20.28 13.87 11.73
C ASP A 138 21.15 15.13 11.79
N LEU A 139 21.15 15.81 12.94
CA LEU A 139 21.95 17.02 13.14
C LEU A 139 23.45 16.73 13.16
N THR A 140 23.85 15.50 13.45
CA THR A 140 25.26 15.12 13.43
C THR A 140 25.71 14.54 12.09
N ASN A 141 24.96 14.78 10.99
CA ASN A 141 25.24 14.07 9.74
C ASN A 141 24.79 14.95 8.55
N GLU A 142 25.72 15.73 8.01
CA GLU A 142 25.39 16.68 6.96
C GLU A 142 24.80 15.97 5.73
N GLN A 143 25.30 14.79 5.39
CA GLN A 143 24.75 14.09 4.22
C GLN A 143 23.26 13.81 4.39
N SER A 144 22.83 13.48 5.61
CA SER A 144 21.41 13.21 5.83
C SER A 144 20.57 14.47 5.69
N PHE A 145 21.17 15.63 5.88
CA PHE A 145 20.42 16.86 5.68
C PHE A 145 20.39 17.24 4.20
N LEU A 146 21.48 16.96 3.48
CA LEU A 146 21.47 17.28 2.07
C LEU A 146 20.46 16.45 1.30
N ASN A 147 20.09 15.27 1.80
CA ASN A 147 19.15 14.41 1.07
C ASN A 147 17.71 14.83 1.29
N VAL A 148 17.47 15.79 2.18
CA VAL A 148 16.11 16.21 2.51
C VAL A 148 15.40 16.71 1.27
N ARG A 149 16.14 17.29 0.32
CA ARG A 149 15.53 17.81 -0.91
C ARG A 149 14.94 16.67 -1.73
N ASN A 150 15.71 15.61 -1.94
CA ASN A 150 15.19 14.45 -2.65
C ASN A 150 13.94 13.90 -1.96
N TRP A 151 13.99 13.74 -0.63
CA TRP A 151 12.87 13.18 0.13
C TRP A 151 11.60 13.98 -0.11
N ILE A 152 11.68 15.30 -0.01
CA ILE A 152 10.51 16.12 -0.30
C ILE A 152 10.03 15.87 -1.72
N SER A 153 10.97 15.84 -2.66
CA SER A 153 10.63 15.59 -4.05
C SER A 153 9.91 14.25 -4.19
N GLN A 154 10.44 13.20 -3.56
CA GLN A 154 9.75 11.93 -3.49
C GLN A 154 8.35 12.07 -2.92
N LEU A 155 8.20 12.82 -1.83
CA LEU A 155 6.89 12.95 -1.20
C LEU A 155 5.90 13.63 -2.12
N GLN A 156 6.32 14.72 -2.77
CA GLN A 156 5.49 15.35 -3.79
C GLN A 156 4.96 14.33 -4.80
N MET A 157 5.83 13.43 -5.28
CA MET A 157 5.47 12.51 -6.34
C MET A 157 4.57 11.38 -5.84
N HIS A 158 4.80 10.86 -4.64
CA HIS A 158 4.09 9.66 -4.19
C HIS A 158 3.02 9.91 -3.13
N ALA A 159 2.98 11.09 -2.53
CA ALA A 159 1.87 11.36 -1.62
C ALA A 159 0.58 11.31 -2.42
N TYR A 160 -0.48 10.86 -1.76
CA TYR A 160 -1.75 10.70 -2.43
C TYR A 160 -2.68 11.88 -2.12
N CYS A 161 -2.63 13.30 -2.05
CA CYS A 161 -2.47 14.68 -1.69
C CYS A 161 -1.05 15.10 -2.08
N GLU A 162 -1.70 15.96 -3.03
CA GLU A 162 -1.22 17.24 -3.52
C GLU A 162 -0.87 18.20 -2.39
N ASN A 163 0.40 18.61 -2.31
CA ASN A 163 0.94 19.50 -1.28
C ASN A 163 0.85 18.89 0.12
N PRO A 164 1.42 17.71 0.34
CA PRO A 164 1.18 17.02 1.61
C PRO A 164 1.77 17.77 2.78
N ASP A 165 1.08 17.74 3.91
CA ASP A 165 1.62 18.33 5.13
C ASP A 165 2.86 17.58 5.57
N ILE A 166 3.92 18.32 5.84
CA ILE A 166 5.20 17.79 6.29
C ILE A 166 5.63 18.61 7.49
N VAL A 167 6.22 17.94 8.49
CA VAL A 167 6.96 18.61 9.56
C VAL A 167 8.39 18.08 9.49
N LEU A 168 9.34 19.01 9.37
CA LEU A 168 10.74 18.66 9.31
C LEU A 168 11.33 18.56 10.72
N CYS A 169 12.11 17.50 10.95
CA CYS A 169 12.69 17.25 12.26
C CYS A 169 14.20 17.08 12.12
N GLY A 170 14.96 17.98 12.72
CA GLY A 170 16.39 17.77 12.85
C GLY A 170 16.68 17.13 14.19
N ASN A 171 17.01 15.84 14.19
CA ASN A 171 17.05 15.04 15.39
C ASN A 171 18.45 15.01 15.99
N LYS A 172 18.55 14.46 17.21
CA LYS A 172 19.80 14.33 17.97
C LYS A 172 20.35 15.69 18.42
N SER A 173 19.44 16.59 18.82
CA SER A 173 19.87 17.88 19.32
C SER A 173 20.60 17.78 20.66
N ASP A 174 20.53 16.62 21.31
CA ASP A 174 21.24 16.42 22.56
C ASP A 174 22.74 16.15 22.37
N LEU A 175 23.16 15.80 21.15
CA LEU A 175 24.58 15.62 20.87
C LEU A 175 25.16 16.94 20.34
N GLU A 176 25.30 17.90 21.25
CA GLU A 176 25.70 19.24 20.80
C GLU A 176 27.17 19.28 20.38
N ASP A 177 28.00 18.45 20.98
CA ASP A 177 29.40 18.41 20.58
C ASP A 177 29.57 17.86 19.18
N GLN A 178 28.60 17.09 18.69
CA GLN A 178 28.70 16.40 17.42
C GLN A 178 27.83 17.02 16.35
N ARG A 179 27.26 18.20 16.63
CA ARG A 179 26.38 18.85 15.67
C ARG A 179 27.21 19.37 14.49
N VAL A 180 26.76 19.09 13.26
CA VAL A 180 27.42 19.63 12.07
C VAL A 180 26.47 20.38 11.15
N VAL A 181 25.17 20.14 11.17
CA VAL A 181 24.24 20.92 10.36
C VAL A 181 24.08 22.29 11.01
N LYS A 182 24.49 23.32 10.31
CA LYS A 182 24.25 24.68 10.79
C LYS A 182 22.75 24.93 10.92
N GLU A 183 22.37 25.73 11.89
CA GLU A 183 20.95 25.99 12.11
C GLU A 183 20.35 26.81 10.97
N GLU A 184 21.10 27.80 10.47
CA GLU A 184 20.55 28.70 9.46
C GLU A 184 20.23 27.97 8.18
N GLU A 185 21.01 26.94 7.83
CA GLU A 185 20.75 26.21 6.59
C GLU A 185 19.39 25.54 6.65
N ALA A 186 19.12 24.81 7.73
CA ALA A 186 17.88 24.06 7.85
C ALA A 186 16.68 24.98 7.98
N ILE A 187 16.85 26.10 8.68
CA ILE A 187 15.77 27.08 8.74
C ILE A 187 15.49 27.61 7.35
N ALA A 188 16.55 27.79 6.56
CA ALA A 188 16.37 28.18 5.15
C ALA A 188 15.61 27.11 4.38
N LEU A 189 16.07 25.86 4.45
CA LEU A 189 15.37 24.81 3.71
C LEU A 189 13.90 24.75 4.10
N ALA A 190 13.58 24.88 5.38
CA ALA A 190 12.19 24.75 5.78
C ALA A 190 11.36 25.93 5.30
N GLU A 191 11.93 27.13 5.34
CA GLU A 191 11.20 28.30 4.84
C GLU A 191 11.01 28.21 3.34
N LYS A 192 12.02 27.72 2.61
CA LYS A 192 11.89 27.60 1.16
C LYS A 192 10.70 26.73 0.80
N TYR A 193 10.45 25.68 1.56
CA TYR A 193 9.35 24.77 1.26
C TYR A 193 8.08 25.04 2.06
N GLY A 194 8.06 26.07 2.90
CA GLY A 194 6.86 26.36 3.68
C GLY A 194 6.46 25.29 4.68
N ILE A 195 7.42 24.62 5.30
CA ILE A 195 7.02 23.54 6.20
C ILE A 195 7.62 23.75 7.60
N PRO A 196 6.87 23.44 8.66
CA PRO A 196 7.37 23.66 10.01
C PRO A 196 8.64 22.85 10.28
N TYR A 197 9.46 23.38 11.18
CA TYR A 197 10.75 22.76 11.48
C TYR A 197 10.99 22.76 12.98
N PHE A 198 11.44 21.62 13.49
CA PHE A 198 11.76 21.44 14.90
C PHE A 198 13.10 20.73 15.01
N GLU A 199 13.98 21.23 15.86
CA GLU A 199 15.10 20.40 16.28
C GLU A 199 14.62 19.58 17.47
N THR A 200 14.96 18.29 17.47
CA THR A 200 14.36 17.31 18.35
C THR A 200 15.44 16.47 19.01
N SER A 201 15.05 15.72 20.02
CA SER A 201 15.94 14.72 20.61
C SER A 201 15.09 13.50 20.96
N ALA A 202 15.43 12.36 20.39
CA ALA A 202 14.73 11.17 20.84
C ALA A 202 15.24 10.71 22.19
N ALA A 203 16.42 11.18 22.60
CA ALA A 203 17.01 10.69 23.84
C ALA A 203 16.31 11.31 25.05
N ASN A 204 16.32 12.63 25.15
CA ASN A 204 15.74 13.31 26.28
C ASN A 204 14.33 13.82 26.00
N GLY A 205 13.84 13.65 24.78
CA GLY A 205 12.46 13.93 24.45
C GLY A 205 12.18 15.36 24.02
N THR A 206 13.19 16.22 23.96
CA THR A 206 12.96 17.60 23.57
C THR A 206 12.25 17.72 22.23
N ASN A 207 11.14 18.45 22.20
CA ASN A 207 10.36 18.85 21.02
C ASN A 207 9.63 17.71 20.30
N ILE A 208 9.78 16.46 20.75
CA ILE A 208 9.12 15.33 20.10
C ILE A 208 7.62 15.52 20.04
N SER A 209 7.00 15.84 21.17
CA SER A 209 5.56 15.94 21.16
C SER A 209 5.09 17.21 20.47
N GLN A 210 5.90 18.27 20.53
CA GLN A 210 5.54 19.51 19.83
C GLN A 210 5.52 19.31 18.33
N ALA A 211 6.51 18.59 17.79
CA ALA A 211 6.54 18.39 16.34
C ALA A 211 5.38 17.51 15.89
N ILE A 212 5.12 16.42 16.62
CA ILE A 212 4.04 15.51 16.27
C ILE A 212 2.68 16.18 16.45
N GLU A 213 2.56 17.08 17.42
CA GLU A 213 1.29 17.77 17.61
C GLU A 213 1.11 18.82 16.55
N MET A 214 2.20 19.42 16.07
CA MET A 214 2.10 20.35 14.95
C MET A 214 1.56 19.64 13.72
N LEU A 215 2.05 18.43 13.46
CA LEU A 215 1.56 17.71 12.31
C LEU A 215 0.10 17.35 12.45
N LEU A 216 -0.32 16.92 13.64
CA LEU A 216 -1.73 16.61 13.87
C LEU A 216 -2.61 17.83 13.58
N ASP A 217 -2.19 19.00 14.04
CA ASP A 217 -2.95 20.22 13.81
C ASP A 217 -3.11 20.50 12.32
N LEU A 218 -2.00 20.41 11.57
CA LEU A 218 -2.06 20.67 10.13
C LEU A 218 -3.11 19.81 9.47
N ILE A 219 -3.15 18.53 9.84
CA ILE A 219 -4.08 17.59 9.24
C ILE A 219 -5.50 17.87 9.67
N MET A 220 -5.70 18.13 10.97
CA MET A 220 -7.05 18.45 11.45
C MET A 220 -7.55 19.72 10.79
N LYS A 221 -6.74 20.77 10.79
CA LYS A 221 -7.15 22.01 10.13
C LYS A 221 -7.36 21.78 8.65
N ARG A 222 -6.46 21.00 8.02
CA ARG A 222 -6.68 20.61 6.64
C ARG A 222 -7.99 19.87 6.47
N MET A 223 -8.37 19.04 7.45
CA MET A 223 -9.60 18.28 7.30
C MET A 223 -10.84 19.14 7.42
N GLU A 224 -10.81 20.15 8.30
CA GLU A 224 -12.01 20.93 8.54
C GLU A 224 -12.44 21.69 7.30
N ARG A 225 -11.48 22.24 6.54
CA ARG A 225 -11.82 22.98 5.33
C ARG A 225 -12.75 22.20 4.40
N SER A 226 -12.38 20.96 4.07
CA SER A 226 -13.14 20.16 3.11
C SER A 226 -14.65 20.06 3.39
N HIS B 2 22.93 -17.55 -10.79
CA HIS B 2 22.99 -18.48 -9.67
C HIS B 2 22.55 -17.82 -8.35
N MET B 3 23.04 -16.62 -8.05
CA MET B 3 22.64 -15.87 -6.86
C MET B 3 22.16 -14.50 -7.32
N SER B 4 20.87 -14.23 -7.21
CA SER B 4 20.29 -13.00 -7.75
C SER B 4 19.85 -12.08 -6.62
N PHE B 5 19.94 -10.79 -6.91
CA PHE B 5 19.72 -9.73 -5.94
C PHE B 5 18.74 -8.73 -6.54
N LEU B 6 18.11 -7.93 -5.69
CA LEU B 6 17.17 -6.94 -6.20
C LEU B 6 17.97 -5.86 -6.90
N THR B 7 18.00 -5.92 -8.23
CA THR B 7 18.77 -5.01 -9.04
C THR B 7 18.17 -3.60 -8.99
N GLU B 8 18.97 -2.63 -9.43
CA GLU B 8 18.50 -1.26 -9.42
C GLU B 8 17.41 -1.04 -10.49
N GLU B 9 17.62 -1.59 -11.70
CA GLU B 9 16.59 -1.51 -12.74
C GLU B 9 15.26 -2.07 -12.23
N GLU B 10 15.29 -3.23 -11.58
CA GLU B 10 14.07 -3.83 -11.05
C GLU B 10 13.38 -2.89 -10.06
N GLN B 11 14.14 -2.14 -9.25
CA GLN B 11 13.47 -1.24 -8.33
C GLN B 11 12.98 0.02 -9.03
N GLU B 12 13.72 0.50 -10.02
CA GLU B 12 13.23 1.60 -10.85
C GLU B 12 11.87 1.25 -11.45
N ALA B 13 11.76 0.07 -12.07
CA ALA B 13 10.48 -0.41 -12.59
C ALA B 13 9.36 -0.26 -11.57
N ILE B 14 9.58 -0.78 -10.37
CA ILE B 14 8.52 -0.79 -9.36
C ILE B 14 8.18 0.62 -8.93
N MET B 15 9.17 1.51 -8.86
CA MET B 15 8.86 2.88 -8.47
C MET B 15 8.01 3.58 -9.53
N LYS B 16 8.18 3.24 -10.82
CA LYS B 16 7.35 3.88 -11.83
C LYS B 16 5.90 3.38 -11.78
N VAL B 17 5.69 2.08 -11.52
CA VAL B 17 4.33 1.63 -11.24
C VAL B 17 3.71 2.46 -10.11
N LEU B 18 4.50 2.78 -9.08
CA LEU B 18 3.97 3.50 -7.93
C LEU B 18 3.70 4.97 -8.27
N GLN B 19 4.64 5.62 -8.93
CA GLN B 19 4.41 6.98 -9.42
C GLN B 19 3.14 7.06 -10.24
N ARG B 20 2.98 6.15 -11.21
CA ARG B 20 1.76 6.12 -12.02
C ARG B 20 0.53 5.95 -11.15
N ASP B 21 0.64 5.13 -10.11
CA ASP B 21 -0.53 4.91 -9.25
C ASP B 21 -0.88 6.18 -8.50
N ALA B 22 0.11 6.84 -7.89
CA ALA B 22 -0.19 8.08 -7.18
C ALA B 22 -0.76 9.11 -8.13
N ALA B 23 -0.27 9.11 -9.38
CA ALA B 23 -0.85 9.96 -10.41
C ALA B 23 -2.33 9.64 -10.60
N LEU B 24 -2.66 8.37 -10.84
CA LEU B 24 -4.04 7.99 -11.09
C LEU B 24 -4.93 8.39 -9.92
N LYS B 25 -4.49 8.10 -8.69
CA LYS B 25 -5.33 8.38 -7.53
C LYS B 25 -5.48 9.88 -7.33
N ARG B 26 -4.41 10.65 -7.50
CA ARG B 26 -4.51 12.10 -7.29
C ARG B 26 -5.57 12.70 -8.20
N ALA B 27 -5.58 12.30 -9.49
CA ALA B 27 -6.56 12.80 -10.43
C ALA B 27 -7.99 12.42 -10.04
N GLU B 28 -8.20 11.19 -9.55
CA GLU B 28 -9.55 10.76 -9.22
C GLU B 28 -10.16 11.56 -8.07
N GLU B 29 -9.35 12.24 -7.25
CA GLU B 29 -9.91 13.03 -6.15
C GLU B 29 -10.94 14.03 -6.66
N GLU B 30 -10.71 14.56 -7.86
CA GLU B 30 -11.69 15.39 -8.55
C GLU B 30 -13.10 14.83 -8.50
N TYR B 44 -13.71 7.41 -14.82
CA TYR B 44 -14.25 8.75 -14.98
C TYR B 44 -15.40 8.99 -14.00
N ASP B 45 -16.43 8.15 -14.04
CA ASP B 45 -17.60 8.36 -13.20
C ASP B 45 -17.72 7.40 -12.04
N TYR B 46 -16.85 6.38 -11.97
CA TYR B 46 -16.57 5.57 -10.78
C TYR B 46 -15.21 4.91 -11.00
N LEU B 47 -14.42 4.80 -9.94
CA LEU B 47 -13.13 4.12 -10.02
C LEU B 47 -13.26 2.76 -9.34
N ILE B 48 -13.24 1.70 -10.13
CA ILE B 48 -13.33 0.33 -9.61
C ILE B 48 -11.96 -0.31 -9.75
N LYS B 49 -11.40 -0.76 -8.62
CA LYS B 49 -10.09 -1.40 -8.58
C LYS B 49 -10.24 -2.86 -8.19
N PHE B 50 -9.53 -3.75 -8.87
CA PHE B 50 -9.39 -5.11 -8.35
C PHE B 50 -8.01 -5.63 -8.68
N LEU B 51 -7.72 -6.83 -8.17
CA LEU B 51 -6.36 -7.33 -8.11
C LEU B 51 -6.35 -8.80 -8.50
N ALA B 52 -5.39 -9.19 -9.32
CA ALA B 52 -5.24 -10.57 -9.72
C ALA B 52 -4.09 -11.19 -8.94
N LEU B 53 -4.27 -12.43 -8.50
CA LEU B 53 -3.23 -13.08 -7.72
C LEU B 53 -3.30 -14.58 -7.95
N GLY B 54 -2.25 -15.26 -7.55
CA GLY B 54 -2.09 -16.68 -7.80
C GLY B 54 -0.63 -17.00 -8.01
N ASP B 55 -0.33 -18.29 -8.04
CA ASP B 55 1.05 -18.73 -8.13
C ASP B 55 1.70 -18.16 -9.39
N SER B 56 3.02 -18.03 -9.35
CA SER B 56 3.71 -17.59 -10.54
C SER B 56 3.48 -18.58 -11.67
N GLY B 57 3.24 -18.05 -12.88
CA GLY B 57 3.03 -18.84 -14.07
C GLY B 57 1.61 -19.31 -14.31
N VAL B 58 0.63 -18.81 -13.57
CA VAL B 58 -0.73 -19.25 -13.85
C VAL B 58 -1.36 -18.41 -14.95
N GLY B 59 -0.83 -17.23 -15.23
CA GLY B 59 -1.30 -16.42 -16.32
C GLY B 59 -1.98 -15.14 -15.93
N LYS B 60 -1.62 -14.58 -14.77
CA LYS B 60 -2.30 -13.37 -14.31
C LYS B 60 -2.10 -12.23 -15.30
N THR B 61 -0.84 -11.99 -15.67
CA THR B 61 -0.51 -10.93 -16.61
C THR B 61 -1.15 -11.20 -17.97
N SER B 62 -0.99 -12.43 -18.48
CA SER B 62 -1.61 -12.81 -19.74
C SER B 62 -3.11 -12.55 -19.73
N VAL B 63 -3.78 -12.87 -18.62
CA VAL B 63 -5.23 -12.74 -18.58
C VAL B 63 -5.64 -11.28 -18.73
N LEU B 64 -4.96 -10.39 -17.99
CA LEU B 64 -5.30 -8.97 -18.06
C LEU B 64 -4.98 -8.39 -19.43
N TYR B 65 -3.92 -8.89 -20.07
CA TYR B 65 -3.51 -8.37 -21.37
C TYR B 65 -4.51 -8.79 -22.45
N GLN B 66 -4.89 -10.06 -22.47
CA GLN B 66 -5.96 -10.52 -23.34
C GLN B 66 -7.20 -9.65 -23.18
N TYR B 67 -7.49 -9.20 -21.97
CA TYR B 67 -8.75 -8.53 -21.76
C TYR B 67 -8.69 -7.04 -22.12
N THR B 68 -7.54 -6.40 -21.96
CA THR B 68 -7.45 -4.99 -22.27
C THR B 68 -7.16 -4.75 -23.74
N ASP B 69 -6.41 -5.67 -24.36
CA ASP B 69 -5.86 -5.49 -25.69
C ASP B 69 -6.25 -6.58 -26.68
N GLY B 70 -6.82 -7.69 -26.22
CA GLY B 70 -7.09 -8.84 -27.07
C GLY B 70 -5.87 -9.49 -27.68
N LYS B 71 -4.74 -9.50 -26.98
CA LYS B 71 -3.50 -10.06 -27.51
C LYS B 71 -2.95 -11.05 -26.51
N PHE B 72 -2.03 -11.91 -26.97
CA PHE B 72 -1.45 -12.95 -26.14
C PHE B 72 -0.03 -13.18 -26.59
N ASN B 73 0.90 -13.22 -25.64
CA ASN B 73 2.31 -13.45 -25.94
C ASN B 73 2.71 -14.75 -25.25
N SER B 74 3.22 -15.70 -26.01
CA SER B 74 3.42 -17.03 -25.46
C SER B 74 4.75 -17.17 -24.72
N LYS B 75 5.57 -16.11 -24.71
CA LYS B 75 6.86 -16.10 -24.03
C LYS B 75 6.67 -15.59 -22.60
N PHE B 76 7.21 -16.33 -21.63
CA PHE B 76 7.00 -16.04 -20.21
C PHE B 76 7.88 -14.87 -19.79
N ILE B 77 7.26 -13.75 -19.45
CA ILE B 77 7.96 -12.56 -18.96
C ILE B 77 7.41 -12.31 -17.55
N THR B 78 8.10 -12.86 -16.56
CA THR B 78 7.63 -12.82 -15.19
C THR B 78 7.55 -11.39 -14.66
N THR B 79 6.53 -11.14 -13.85
CA THR B 79 6.23 -9.80 -13.38
C THR B 79 7.20 -9.34 -12.28
N VAL B 80 7.79 -8.17 -12.48
CA VAL B 80 8.75 -7.60 -11.55
C VAL B 80 7.98 -6.96 -10.40
N GLY B 81 7.58 -7.79 -9.43
CA GLY B 81 6.88 -7.29 -8.28
C GLY B 81 5.42 -7.00 -8.51
N ILE B 82 5.12 -5.90 -9.20
CA ILE B 82 3.76 -5.39 -9.24
C ILE B 82 3.59 -4.59 -10.54
N ASP B 83 2.35 -4.54 -11.04
CA ASP B 83 2.00 -3.74 -12.22
C ASP B 83 0.48 -3.55 -12.28
N PHE B 84 0.04 -2.72 -13.21
CA PHE B 84 -1.40 -2.56 -13.37
C PHE B 84 -1.71 -2.00 -14.75
N ARG B 85 -2.90 -2.34 -15.24
CA ARG B 85 -3.47 -1.84 -16.48
C ARG B 85 -4.76 -1.10 -16.15
N GLU B 86 -5.32 -0.42 -17.13
CA GLU B 86 -6.61 0.21 -17.01
C GLU B 86 -7.42 -0.09 -18.25
N LYS B 87 -8.72 0.16 -18.14
CA LYS B 87 -9.63 0.00 -19.25
C LYS B 87 -10.93 0.70 -18.90
N ARG B 88 -11.39 1.61 -19.74
CA ARG B 88 -12.70 2.22 -19.51
C ARG B 88 -13.78 1.36 -20.15
N VAL B 89 -14.80 1.02 -19.35
CA VAL B 89 -15.86 0.11 -19.73
C VAL B 89 -17.20 0.73 -19.30
N VAL B 90 -18.28 0.11 -19.75
CA VAL B 90 -19.62 0.51 -19.36
C VAL B 90 -20.20 -0.62 -18.52
N TYR B 91 -20.66 -0.28 -17.33
CA TYR B 91 -21.32 -1.26 -16.48
C TYR B 91 -22.81 -1.00 -16.51
N ARG B 92 -23.58 -2.04 -16.80
CA ARG B 92 -25.02 -1.98 -16.73
C ARG B 92 -25.49 -2.98 -15.67
N ALA B 93 -26.10 -2.45 -14.59
CA ALA B 93 -26.55 -3.27 -13.47
C ALA B 93 -27.50 -4.37 -13.93
N SER B 94 -27.05 -5.63 -13.82
CA SER B 94 -27.83 -6.77 -14.28
C SER B 94 -28.87 -7.15 -13.23
N GLY B 95 -30.14 -7.12 -13.61
CA GLY B 95 -31.25 -7.38 -12.70
C GLY B 95 -31.60 -8.86 -12.59
N PRO B 96 -32.84 -9.14 -12.13
CA PRO B 96 -33.23 -10.54 -11.90
C PRO B 96 -33.89 -11.17 -13.11
N ASP B 97 -33.42 -12.36 -13.51
CA ASP B 97 -33.95 -13.11 -14.65
C ASP B 97 -33.77 -12.32 -15.96
N GLY B 98 -32.52 -11.98 -16.25
CA GLY B 98 -32.15 -11.39 -17.52
C GLY B 98 -32.25 -9.88 -17.61
N ALA B 99 -32.80 -9.20 -16.60
CA ALA B 99 -32.93 -7.75 -16.64
C ALA B 99 -31.56 -7.07 -16.64
N THR B 100 -31.51 -5.88 -17.24
CA THR B 100 -30.36 -5.01 -17.04
C THR B 100 -30.82 -3.67 -16.46
N GLY B 101 -29.89 -2.71 -16.39
CA GLY B 101 -30.20 -1.37 -15.93
C GLY B 101 -29.49 -0.33 -16.76
N ARG B 102 -29.39 0.90 -16.25
CA ARG B 102 -28.71 1.95 -16.99
C ARG B 102 -27.19 1.75 -16.96
N GLY B 103 -26.52 2.40 -17.90
CA GLY B 103 -25.08 2.25 -18.04
C GLY B 103 -24.26 3.43 -17.58
N GLN B 104 -23.67 3.34 -16.39
CA GLN B 104 -22.72 4.34 -15.93
C GLN B 104 -21.30 3.93 -16.31
N ARG B 105 -20.47 4.94 -16.57
CA ARG B 105 -19.11 4.70 -17.04
C ARG B 105 -18.23 4.27 -15.89
N ILE B 106 -17.53 3.15 -16.07
CA ILE B 106 -16.66 2.57 -15.06
C ILE B 106 -15.23 2.59 -15.57
N HIS B 107 -14.31 3.05 -14.71
CA HIS B 107 -12.88 3.15 -15.04
C HIS B 107 -12.16 2.12 -14.19
N LEU B 108 -11.69 1.05 -14.83
CA LEU B 108 -11.07 -0.07 -14.13
C LEU B 108 -9.58 0.18 -13.95
N GLN B 109 -9.08 -0.16 -12.76
CA GLN B 109 -7.66 -0.28 -12.49
C GLN B 109 -7.38 -1.74 -12.15
N LEU B 110 -6.58 -2.40 -12.96
CA LEU B 110 -6.43 -3.84 -12.87
C LEU B 110 -5.06 -4.14 -12.31
N TRP B 111 -5.00 -4.43 -11.02
CA TRP B 111 -3.74 -4.72 -10.37
C TRP B 111 -3.26 -6.10 -10.75
N ASP B 112 -1.96 -6.23 -11.00
CA ASP B 112 -1.37 -7.48 -11.45
C ASP B 112 -0.14 -7.74 -10.58
N THR B 113 -0.14 -8.82 -9.82
CA THR B 113 0.90 -9.03 -8.83
C THR B 113 1.82 -10.16 -9.27
N ALA B 114 3.10 -10.05 -8.90
CA ALA B 114 4.02 -11.16 -9.06
C ALA B 114 3.64 -12.28 -8.10
N GLY B 115 3.67 -13.51 -8.58
CA GLY B 115 3.31 -14.61 -7.71
C GLY B 115 4.49 -15.23 -7.01
N LEU B 116 5.70 -14.78 -7.32
CA LEU B 116 6.87 -15.35 -6.70
C LEU B 116 6.93 -14.98 -5.20
N GLU B 117 7.48 -15.89 -4.40
CA GLU B 117 7.53 -15.64 -2.96
C GLU B 117 8.37 -14.42 -2.61
N ARG B 118 9.47 -14.20 -3.33
CA ARG B 118 10.34 -13.06 -3.06
C ARG B 118 9.62 -11.73 -3.13
N PHE B 119 8.38 -11.71 -3.58
CA PHE B 119 7.63 -10.48 -3.74
C PHE B 119 6.40 -10.49 -2.85
N ARG B 120 6.31 -11.50 -1.98
CA ARG B 120 5.07 -11.74 -1.25
C ARG B 120 4.73 -10.56 -0.35
N SER B 121 5.73 -9.89 0.23
CA SER B 121 5.37 -8.83 1.16
C SER B 121 5.07 -7.54 0.42
N LEU B 122 5.78 -7.29 -0.69
CA LEU B 122 5.42 -6.15 -1.54
C LEU B 122 4.02 -6.30 -2.13
N THR B 123 3.67 -7.47 -2.64
CA THR B 123 2.36 -7.59 -3.25
C THR B 123 1.26 -7.65 -2.19
N THR B 124 1.57 -8.14 -0.99
CA THR B 124 0.53 -8.27 0.02
C THR B 124 0.03 -6.91 0.51
N ALA B 125 0.83 -5.86 0.34
CA ALA B 125 0.40 -4.56 0.80
C ALA B 125 -0.57 -3.87 -0.15
N PHE B 126 -0.77 -4.41 -1.37
CA PHE B 126 -1.70 -3.81 -2.30
C PHE B 126 -3.12 -4.37 -2.19
N PHE B 127 -3.30 -5.48 -1.47
CA PHE B 127 -4.63 -6.09 -1.28
C PHE B 127 -5.64 -5.09 -0.73
N ARG B 128 -5.20 -4.15 0.11
CA ARG B 128 -6.14 -3.20 0.70
C ARG B 128 -6.60 -2.16 -0.31
N ASP B 129 -5.87 -2.00 -1.41
CA ASP B 129 -6.33 -1.11 -2.48
C ASP B 129 -7.42 -1.74 -3.34
N ALA B 130 -7.62 -3.05 -3.26
CA ALA B 130 -8.54 -3.75 -4.13
C ALA B 130 -9.95 -3.70 -3.56
N MET B 131 -10.94 -3.74 -4.44
CA MET B 131 -12.32 -3.97 -4.05
C MET B 131 -12.78 -5.38 -4.37
N GLY B 132 -11.94 -6.16 -5.05
CA GLY B 132 -12.28 -7.53 -5.40
C GLY B 132 -11.06 -8.22 -5.97
N PHE B 133 -11.14 -9.54 -6.05
CA PHE B 133 -9.94 -10.32 -6.35
C PHE B 133 -10.21 -11.38 -7.42
N LEU B 134 -9.32 -11.43 -8.41
CA LEU B 134 -9.33 -12.45 -9.44
C LEU B 134 -8.29 -13.48 -9.04
N LEU B 135 -8.73 -14.62 -8.52
CA LEU B 135 -7.82 -15.65 -8.07
C LEU B 135 -7.60 -16.62 -9.21
N LEU B 136 -6.35 -16.88 -9.55
CA LEU B 136 -6.04 -17.73 -10.69
C LEU B 136 -5.24 -18.94 -10.25
N PHE B 137 -5.59 -20.09 -10.80
CA PHE B 137 -4.66 -21.22 -10.83
C PHE B 137 -4.56 -21.73 -12.26
N ASP B 138 -3.57 -22.58 -12.49
CA ASP B 138 -3.27 -23.19 -13.77
C ASP B 138 -3.93 -24.58 -13.84
N LEU B 139 -4.91 -24.74 -14.74
CA LEU B 139 -5.55 -26.05 -14.93
C LEU B 139 -4.55 -27.15 -15.26
N THR B 140 -3.33 -26.80 -15.67
CA THR B 140 -2.29 -27.76 -15.98
C THR B 140 -1.26 -27.93 -14.85
N ASN B 141 -1.53 -27.39 -13.65
CA ASN B 141 -0.58 -27.46 -12.54
C ASN B 141 -1.39 -27.73 -11.29
N GLU B 142 -1.43 -29.00 -10.85
CA GLU B 142 -2.28 -29.34 -9.72
C GLU B 142 -1.84 -28.60 -8.45
N GLN B 143 -0.53 -28.32 -8.33
CA GLN B 143 -0.05 -27.67 -7.11
C GLN B 143 -0.53 -26.24 -7.03
N SER B 144 -0.72 -25.57 -8.16
CA SER B 144 -1.26 -24.21 -8.11
C SER B 144 -2.69 -24.23 -7.65
N PHE B 145 -3.38 -25.34 -7.92
CA PHE B 145 -4.76 -25.53 -7.48
C PHE B 145 -4.83 -25.87 -6.00
N LEU B 146 -3.92 -26.72 -5.52
CA LEU B 146 -3.86 -27.00 -4.09
C LEU B 146 -3.66 -25.71 -3.29
N ASN B 147 -2.85 -24.80 -3.82
CA ASN B 147 -2.54 -23.55 -3.14
C ASN B 147 -3.70 -22.56 -3.11
N VAL B 148 -4.77 -22.78 -3.87
CA VAL B 148 -5.91 -21.85 -3.85
C VAL B 148 -6.43 -21.64 -2.43
N ARG B 149 -6.30 -22.66 -1.57
CA ARG B 149 -6.76 -22.53 -0.17
C ARG B 149 -5.93 -21.50 0.58
N ASN B 150 -4.60 -21.66 0.54
CA ASN B 150 -3.73 -20.71 1.21
C ASN B 150 -3.95 -19.30 0.69
N TRP B 151 -4.16 -19.14 -0.61
CA TRP B 151 -4.37 -17.80 -1.16
C TRP B 151 -5.63 -17.17 -0.60
N ILE B 152 -6.71 -17.96 -0.49
CA ILE B 152 -7.99 -17.42 -0.04
C ILE B 152 -7.90 -16.94 1.42
N SER B 153 -7.15 -17.65 2.26
CA SER B 153 -7.06 -17.17 3.64
C SER B 153 -6.20 -15.92 3.72
N GLN B 154 -5.13 -15.84 2.91
CA GLN B 154 -4.37 -14.59 2.84
C GLN B 154 -5.25 -13.44 2.37
N LEU B 155 -6.23 -13.71 1.53
CA LEU B 155 -7.14 -12.67 1.08
C LEU B 155 -8.04 -12.22 2.21
N GLN B 156 -8.62 -13.17 2.95
CA GLN B 156 -9.45 -12.82 4.08
C GLN B 156 -8.67 -12.07 5.14
N MET B 157 -7.39 -12.39 5.29
CA MET B 157 -6.57 -11.81 6.34
C MET B 157 -6.03 -10.43 6.01
N HIS B 158 -5.92 -10.04 4.73
CA HIS B 158 -5.34 -8.74 4.40
C HIS B 158 -6.25 -7.81 3.61
N ALA B 159 -7.52 -8.15 3.41
CA ALA B 159 -8.36 -7.34 2.54
C ALA B 159 -8.96 -6.18 3.33
N TYR B 160 -9.86 -5.43 2.69
CA TYR B 160 -10.44 -4.21 3.25
C TYR B 160 -11.44 -4.52 4.35
N CYS B 161 -12.09 -5.61 3.69
CA CYS B 161 -13.50 -5.80 3.84
C CYS B 161 -13.72 -7.19 4.43
N GLU B 162 -14.64 -7.43 5.49
CA GLU B 162 -14.33 -8.65 6.21
C GLU B 162 -14.29 -9.87 5.28
N ASN B 163 -15.29 -9.97 4.41
CA ASN B 163 -15.48 -11.13 3.54
C ASN B 163 -15.44 -10.65 2.09
N PRO B 164 -14.26 -10.62 1.47
CA PRO B 164 -14.13 -9.92 0.19
C PRO B 164 -14.71 -10.71 -0.98
N ASP B 165 -15.03 -9.99 -2.05
CA ASP B 165 -15.55 -10.63 -3.26
C ASP B 165 -14.41 -11.30 -4.02
N ILE B 166 -14.63 -12.53 -4.48
CA ILE B 166 -13.59 -13.27 -5.19
C ILE B 166 -14.22 -13.95 -6.41
N VAL B 167 -13.45 -14.05 -7.49
CA VAL B 167 -13.79 -14.86 -8.67
C VAL B 167 -12.61 -15.76 -8.96
N LEU B 168 -12.83 -17.07 -8.90
CA LEU B 168 -11.79 -18.06 -9.16
C LEU B 168 -11.71 -18.38 -10.65
N CYS B 169 -10.49 -18.42 -11.19
CA CYS B 169 -10.24 -18.78 -12.59
C CYS B 169 -9.29 -19.96 -12.68
N GLY B 170 -9.73 -21.04 -13.32
CA GLY B 170 -8.81 -22.07 -13.73
C GLY B 170 -8.37 -21.66 -15.11
N ASN B 171 -7.08 -21.42 -15.30
CA ASN B 171 -6.63 -20.83 -16.55
C ASN B 171 -5.88 -21.86 -17.38
N LYS B 172 -5.59 -21.46 -18.61
CA LYS B 172 -5.00 -22.33 -19.64
C LYS B 172 -5.95 -23.48 -19.99
N SER B 173 -7.24 -23.14 -20.14
CA SER B 173 -8.23 -24.10 -20.63
C SER B 173 -7.98 -24.53 -22.07
N ASP B 174 -7.25 -23.75 -22.85
CA ASP B 174 -6.93 -24.20 -24.20
C ASP B 174 -5.89 -25.30 -24.23
N LEU B 175 -5.29 -25.65 -23.09
CA LEU B 175 -4.28 -26.70 -23.07
C LEU B 175 -4.90 -28.00 -22.58
N GLU B 176 -5.87 -28.46 -23.36
CA GLU B 176 -6.73 -29.58 -22.96
C GLU B 176 -5.92 -30.84 -22.73
N ASP B 177 -4.96 -31.13 -23.61
CA ASP B 177 -4.23 -32.38 -23.47
C ASP B 177 -3.21 -32.35 -22.35
N GLN B 178 -3.22 -31.29 -21.52
CA GLN B 178 -2.33 -31.18 -20.38
C GLN B 178 -3.07 -30.83 -19.10
N ARG B 179 -4.38 -30.67 -19.17
CA ARG B 179 -5.18 -30.52 -17.98
C ARG B 179 -4.89 -31.67 -17.01
N VAL B 180 -4.77 -31.33 -15.73
CA VAL B 180 -4.59 -32.31 -14.67
C VAL B 180 -5.55 -32.09 -13.52
N VAL B 181 -6.18 -30.93 -13.44
CA VAL B 181 -7.18 -30.63 -12.44
C VAL B 181 -8.54 -30.96 -13.04
N LYS B 182 -9.22 -31.96 -12.51
CA LYS B 182 -10.54 -32.30 -13.01
C LYS B 182 -11.53 -31.23 -12.62
N GLU B 183 -12.42 -30.90 -13.54
CA GLU B 183 -13.35 -29.79 -13.34
C GLU B 183 -14.21 -29.95 -12.10
N GLU B 184 -14.53 -31.20 -11.72
CA GLU B 184 -15.38 -31.42 -10.56
C GLU B 184 -14.70 -30.95 -9.28
N GLU B 185 -13.45 -31.40 -9.05
CA GLU B 185 -12.68 -30.91 -7.92
C GLU B 185 -12.68 -29.39 -7.88
N ALA B 186 -12.61 -28.74 -9.04
CA ALA B 186 -12.57 -27.28 -9.00
C ALA B 186 -13.95 -26.69 -8.73
N ILE B 187 -15.00 -27.27 -9.28
CA ILE B 187 -16.34 -26.72 -9.04
C ILE B 187 -16.73 -26.91 -7.58
N ALA B 188 -16.25 -27.99 -6.96
CA ALA B 188 -16.61 -28.29 -5.58
C ALA B 188 -15.92 -27.34 -4.62
N LEU B 189 -14.62 -27.11 -4.82
CA LEU B 189 -13.89 -26.10 -4.05
C LEU B 189 -14.60 -24.76 -4.11
N ALA B 190 -14.98 -24.34 -5.31
CA ALA B 190 -15.63 -23.04 -5.46
C ALA B 190 -16.96 -23.01 -4.72
N GLU B 191 -17.72 -24.10 -4.79
CA GLU B 191 -19.01 -24.14 -4.10
C GLU B 191 -18.81 -24.07 -2.59
N LYS B 192 -17.77 -24.75 -2.09
CA LYS B 192 -17.46 -24.77 -0.66
C LYS B 192 -17.31 -23.37 -0.08
N TYR B 193 -16.80 -22.41 -0.86
CA TYR B 193 -16.55 -21.06 -0.40
C TYR B 193 -17.56 -20.04 -0.90
N GLY B 194 -18.49 -20.44 -1.76
CA GLY B 194 -19.44 -19.47 -2.29
C GLY B 194 -18.86 -18.48 -3.27
N ILE B 195 -17.93 -18.91 -4.12
CA ILE B 195 -17.29 -18.02 -5.09
C ILE B 195 -17.52 -18.48 -6.53
N PRO B 196 -17.75 -17.53 -7.45
CA PRO B 196 -17.97 -17.92 -8.86
C PRO B 196 -16.74 -18.53 -9.50
N TYR B 197 -16.95 -19.56 -10.30
CA TYR B 197 -15.86 -20.27 -10.93
C TYR B 197 -15.98 -20.16 -12.45
N PHE B 198 -14.85 -19.96 -13.11
CA PHE B 198 -14.75 -19.84 -14.57
C PHE B 198 -13.50 -20.55 -15.06
N GLU B 199 -13.62 -21.34 -16.12
CA GLU B 199 -12.43 -21.83 -16.79
C GLU B 199 -12.08 -20.88 -17.93
N THR B 200 -10.86 -20.39 -17.95
CA THR B 200 -10.45 -19.30 -18.82
C THR B 200 -9.27 -19.73 -19.68
N SER B 201 -9.02 -18.95 -20.73
CA SER B 201 -7.79 -19.09 -21.52
C SER B 201 -7.37 -17.72 -21.99
N ALA B 202 -6.18 -17.28 -21.59
CA ALA B 202 -5.62 -16.02 -22.08
C ALA B 202 -5.12 -16.12 -23.52
N ALA B 203 -4.82 -17.33 -24.00
CA ALA B 203 -4.42 -17.49 -25.38
C ALA B 203 -5.54 -17.07 -26.32
N ASN B 204 -6.77 -17.57 -26.09
CA ASN B 204 -7.85 -17.29 -27.03
C ASN B 204 -9.02 -16.50 -26.47
N GLY B 205 -8.97 -16.07 -25.21
CA GLY B 205 -9.95 -15.14 -24.69
C GLY B 205 -11.18 -15.74 -24.04
N THR B 206 -11.32 -17.07 -24.07
CA THR B 206 -12.51 -17.71 -23.51
C THR B 206 -12.75 -17.29 -22.07
N ASN B 207 -13.96 -16.83 -21.79
CA ASN B 207 -14.45 -16.60 -20.44
C ASN B 207 -13.79 -15.43 -19.74
N ILE B 208 -12.75 -14.87 -20.35
CA ILE B 208 -12.02 -13.75 -19.75
C ILE B 208 -12.96 -12.59 -19.46
N SER B 209 -13.77 -12.22 -20.45
CA SER B 209 -14.64 -11.07 -20.22
C SER B 209 -15.73 -11.42 -19.23
N GLN B 210 -16.26 -12.63 -19.30
CA GLN B 210 -17.37 -13.00 -18.41
C GLN B 210 -16.89 -13.08 -16.96
N ALA B 211 -15.71 -13.69 -16.75
CA ALA B 211 -15.14 -13.75 -15.41
C ALA B 211 -15.01 -12.37 -14.78
N ILE B 212 -14.32 -11.46 -15.47
CA ILE B 212 -14.10 -10.13 -14.89
C ILE B 212 -15.41 -9.38 -14.73
N GLU B 213 -16.27 -9.43 -15.76
CA GLU B 213 -17.56 -8.77 -15.65
C GLU B 213 -18.37 -9.31 -14.47
N MET B 214 -18.15 -10.59 -14.14
CA MET B 214 -18.78 -11.16 -12.96
C MET B 214 -18.24 -10.52 -11.67
N LEU B 215 -16.92 -10.23 -11.63
CA LEU B 215 -16.36 -9.60 -10.44
C LEU B 215 -16.82 -8.16 -10.32
N LEU B 216 -16.83 -7.43 -11.44
CA LEU B 216 -17.36 -6.08 -11.47
C LEU B 216 -18.79 -6.05 -10.91
N ASP B 217 -19.64 -7.01 -11.35
CA ASP B 217 -21.01 -7.07 -10.88
C ASP B 217 -21.07 -7.29 -9.37
N LEU B 218 -20.25 -8.21 -8.86
CA LEU B 218 -20.15 -8.43 -7.43
C LEU B 218 -19.73 -7.15 -6.71
N ILE B 219 -18.81 -6.39 -7.30
CA ILE B 219 -18.31 -5.24 -6.59
C ILE B 219 -19.31 -4.08 -6.64
N MET B 220 -20.09 -3.97 -7.72
CA MET B 220 -21.06 -2.89 -7.83
C MET B 220 -22.35 -3.18 -7.10
N LYS B 221 -22.74 -4.46 -7.01
CA LYS B 221 -23.95 -4.78 -6.27
C LYS B 221 -23.71 -4.67 -4.78
N ARG B 222 -22.51 -5.03 -4.33
CA ARG B 222 -22.18 -4.88 -2.93
C ARG B 222 -22.17 -3.41 -2.51
N MET B 223 -21.78 -2.52 -3.42
CA MET B 223 -21.73 -1.10 -3.08
C MET B 223 -23.10 -0.44 -3.10
N GLU B 224 -24.15 -1.13 -3.54
CA GLU B 224 -25.48 -0.55 -3.51
C GLU B 224 -26.33 -1.10 -2.38
N ARG B 225 -25.70 -1.69 -1.37
CA ARG B 225 -26.39 -2.10 -0.16
C ARG B 225 -26.05 -1.21 1.02
N SER B 226 -25.20 -0.19 0.82
CA SER B 226 -24.96 0.84 1.82
C SER B 226 -25.84 2.05 1.54
#